data_9G2G
#
_entry.id   9G2G
#
_cell.length_a   50.600
_cell.length_b   50.873
_cell.length_c   52.083
_cell.angle_alpha   67.502
_cell.angle_beta   79.804
_cell.angle_gamma   85.349
#
_symmetry.space_group_name_H-M   'P 1'
#
loop_
_entity.id
_entity.type
_entity.pdbx_description
1 polymer 'Endoribonuclease MazF'
2 polymer 'Nanobody 5'
3 non-polymer 2-AMINO-2-HYDROXYMETHYL-PROPANE-1,3-DIOL
4 water water
#
loop_
_entity_poly.entity_id
_entity_poly.type
_entity_poly.pdbx_seq_one_letter_code
_entity_poly.pdbx_strand_id
1 'polypeptide(L)'
;MGSSHHHHHHSQDPIRRGDVYLADLSPVQGSEQGGVRPVVIIQNDTGNKYSPTVIVAAITGRINKAKIPTHVEIEKKKYK
LDKDSVILLEQIRTLDKKRLKEKLTYLSDDKMKEVDNALMISLGLNAVAHQKN
;
A,B
2 'polypeptide(L)'
;AQVQLQESGGGLVQPGGSLRLSCAASGFTFDNYAIGWFRQAPGKEREGVLCIGSSDGSTYYADSVKGRFTISSDNAKNTV
YLQMNSLKPEDTAVYYCAADPWDSGYGCYLDYDYWGQGTQVTVSSHHHHHH
;
C,D
#
loop_
_chem_comp.id
_chem_comp.type
_chem_comp.name
_chem_comp.formula
TRS non-polymer 2-AMINO-2-HYDROXYMETHYL-PROPANE-1,3-DIOL 'C4 H12 N O3 1'
#
# COMPACT_ATOMS: atom_id res chain seq x y z
N GLN A 12 14.74 -5.64 20.36
CA GLN A 12 13.69 -4.77 20.92
C GLN A 12 12.31 -5.21 20.46
N ASP A 13 11.29 -4.50 20.95
CA ASP A 13 9.91 -4.88 20.69
C ASP A 13 9.66 -4.91 19.18
N PRO A 14 9.07 -5.98 18.65
CA PRO A 14 8.83 -6.04 17.21
C PRO A 14 7.78 -5.01 16.80
N ILE A 15 8.02 -4.40 15.63
CA ILE A 15 6.97 -3.61 14.99
C ILE A 15 5.80 -4.52 14.71
N ARG A 16 4.62 -4.13 15.15
CA ARG A 16 3.44 -4.96 15.02
C ARG A 16 2.42 -4.28 14.13
N ARG A 17 1.72 -5.08 13.34
CA ARG A 17 0.63 -4.55 12.54
C ARG A 17 -0.43 -3.96 13.46
N GLY A 18 -0.92 -2.78 13.14
CA GLY A 18 -1.83 -2.05 14.01
C GLY A 18 -1.15 -1.07 14.94
N ASP A 19 0.17 -1.14 15.08
CA ASP A 19 0.87 -0.12 15.86
C ASP A 19 0.75 1.24 15.20
N VAL A 20 0.74 2.29 16.03
CA VAL A 20 0.72 3.67 15.57
C VAL A 20 2.08 4.28 15.88
N TYR A 21 2.79 4.69 14.83
CA TYR A 21 4.14 5.22 14.95
C TYR A 21 4.20 6.66 14.47
N LEU A 22 5.03 7.45 15.12
CA LEU A 22 5.55 8.65 14.48
C LEU A 22 6.58 8.24 13.46
N ALA A 23 6.47 8.77 12.25
CA ALA A 23 7.33 8.35 11.15
C ALA A 23 7.77 9.58 10.38
N ASP A 24 9.05 9.59 10.01
CA ASP A 24 9.64 10.68 9.24
C ASP A 24 9.29 10.48 7.78
N LEU A 25 8.27 11.19 7.31
CA LEU A 25 7.86 11.11 5.91
C LEU A 25 8.53 12.16 5.04
N SER A 26 9.38 13.01 5.62
CA SER A 26 10.08 14.02 4.85
C SER A 26 10.93 13.34 3.77
N PRO A 27 10.79 13.74 2.51
CA PRO A 27 11.73 13.23 1.49
C PRO A 27 13.15 13.62 1.84
N VAL A 28 14.06 12.65 1.71
CA VAL A 28 15.43 12.77 2.23
C VAL A 28 15.30 13.16 3.70
N GLN A 29 15.00 12.20 4.56
CA GLN A 29 14.39 12.54 5.85
C GLN A 29 15.40 13.15 6.81
N GLY A 30 16.50 12.44 7.10
CA GLY A 30 17.44 12.82 8.13
C GLY A 30 16.81 13.51 9.32
N SER A 31 16.71 14.83 9.23
CA SER A 31 15.95 15.67 10.16
C SER A 31 15.56 16.95 9.43
N GLU A 32 14.77 16.80 8.36
CA GLU A 32 14.57 17.88 7.41
C GLU A 32 13.59 18.93 7.92
N GLN A 33 12.37 18.52 8.21
CA GLN A 33 11.32 19.48 8.56
C GLN A 33 10.34 18.81 9.50
N GLY A 34 9.11 19.33 9.56
CA GLY A 34 8.06 18.76 10.38
C GLY A 34 7.25 17.72 9.62
N GLY A 35 7.94 16.89 8.85
CA GLY A 35 7.31 15.82 8.11
C GLY A 35 7.16 14.56 8.91
N VAL A 36 7.33 14.67 10.22
CA VAL A 36 7.16 13.53 11.13
C VAL A 36 5.70 13.50 11.55
N ARG A 37 4.96 12.52 11.04
CA ARG A 37 3.52 12.41 11.21
C ARG A 37 3.17 11.02 11.69
N PRO A 38 2.01 10.88 12.35
CA PRO A 38 1.57 9.54 12.76
C PRO A 38 1.17 8.69 11.57
N VAL A 39 1.52 7.40 11.63
CA VAL A 39 1.09 6.42 10.64
C VAL A 39 0.67 5.16 11.38
N VAL A 40 -0.09 4.31 10.68
CA VAL A 40 -0.47 3.00 11.19
C VAL A 40 0.26 1.94 10.37
N ILE A 41 0.82 0.96 11.07
CA ILE A 41 1.47 -0.18 10.42
C ILE A 41 0.40 -1.11 9.86
N ILE A 42 0.41 -1.30 8.54
CA ILE A 42 -0.55 -2.24 7.94
C ILE A 42 0.10 -3.47 7.33
N GLN A 43 1.44 -3.54 7.28
CA GLN A 43 2.10 -4.73 6.76
C GLN A 43 1.93 -5.91 7.70
N ASN A 44 1.90 -7.13 7.12
CA ASN A 44 1.92 -8.37 7.89
C ASN A 44 3.08 -8.39 8.87
N ASP A 45 2.93 -9.17 9.94
CA ASP A 45 3.91 -9.16 11.02
C ASP A 45 5.18 -9.95 10.71
N THR A 46 5.16 -10.85 9.73
CA THR A 46 6.41 -11.51 9.34
C THR A 46 7.37 -10.51 8.68
N GLY A 47 6.87 -9.72 7.74
CA GLY A 47 7.69 -8.66 7.18
C GLY A 47 8.08 -7.64 8.23
N ASN A 48 7.14 -7.28 9.12
CA ASN A 48 7.44 -6.32 10.17
C ASN A 48 8.57 -6.80 11.07
N LYS A 49 8.75 -8.11 11.17
CA LYS A 49 9.82 -8.66 12.00
CA LYS A 49 9.83 -8.64 12.01
C LYS A 49 11.16 -8.65 11.29
N TYR A 50 11.19 -9.01 10.00
CA TYR A 50 12.45 -9.24 9.29
C TYR A 50 12.76 -8.30 8.15
N SER A 51 11.77 -7.62 7.58
CA SER A 51 12.02 -6.81 6.40
C SER A 51 12.78 -5.53 6.75
N PRO A 52 13.54 -4.99 5.79
CA PRO A 52 14.05 -3.61 5.95
C PRO A 52 12.97 -2.54 5.86
N THR A 53 11.79 -2.87 5.35
CA THR A 53 10.74 -1.90 5.09
C THR A 53 9.44 -2.31 5.77
N VAL A 54 8.57 -1.33 6.00
CA VAL A 54 7.20 -1.58 6.42
C VAL A 54 6.27 -0.88 5.43
N ILE A 55 4.99 -1.24 5.51
CA ILE A 55 3.94 -0.56 4.77
C ILE A 55 3.02 0.09 5.79
N VAL A 56 2.69 1.37 5.55
CA VAL A 56 1.95 2.17 6.50
C VAL A 56 0.80 2.87 5.79
N ALA A 57 -0.20 3.27 6.58
CA ALA A 57 -1.26 4.15 6.11
C ALA A 57 -1.17 5.47 6.86
N ALA A 58 -1.46 6.56 6.17
CA ALA A 58 -1.30 7.88 6.76
C ALA A 58 -2.43 8.14 7.76
N ILE A 59 -2.13 8.96 8.75
CA ILE A 59 -3.11 9.48 9.70
C ILE A 59 -3.06 11.00 9.59
N THR A 60 -4.25 11.62 9.48
CA THR A 60 -4.33 13.08 9.35
C THR A 60 -5.26 13.66 10.41
N GLY A 61 -4.82 14.78 11.01
CA GLY A 61 -5.67 15.59 11.84
C GLY A 61 -6.35 16.71 11.11
N ARG A 62 -6.12 16.78 9.79
CA ARG A 62 -6.76 17.79 8.96
C ARG A 62 -8.28 17.56 8.92
N ILE A 63 -8.74 16.33 9.06
CA ILE A 63 -10.15 16.01 9.23
C ILE A 63 -10.32 15.15 10.47
N ASN A 64 -11.50 15.24 11.08
CA ASN A 64 -11.84 14.37 12.20
C ASN A 64 -13.01 13.44 11.88
N LYS A 65 -13.57 13.53 10.67
CA LYS A 65 -14.72 12.75 10.25
C LYS A 65 -14.39 12.04 8.95
N ALA A 66 -14.83 10.79 8.83
CA ALA A 66 -14.64 10.03 7.60
C ALA A 66 -15.36 10.73 6.46
N LYS A 67 -14.62 11.07 5.41
CA LYS A 67 -15.18 11.72 4.23
C LYS A 67 -15.45 10.75 3.08
N ILE A 68 -14.65 9.70 2.93
CA ILE A 68 -14.84 8.76 1.83
C ILE A 68 -14.78 7.36 2.40
N PRO A 69 -15.18 6.32 1.65
CA PRO A 69 -15.24 4.96 2.24
C PRO A 69 -13.91 4.38 2.67
N THR A 70 -12.78 5.02 2.39
CA THR A 70 -11.49 4.50 2.80
C THR A 70 -11.01 5.10 4.11
N HIS A 71 -11.87 5.79 4.83
CA HIS A 71 -11.49 6.52 6.03
C HIS A 71 -11.94 5.77 7.27
N VAL A 72 -11.08 5.73 8.29
CA VAL A 72 -11.42 5.22 9.61
C VAL A 72 -11.07 6.29 10.64
N GLU A 73 -12.04 6.70 11.44
CA GLU A 73 -11.82 7.71 12.46
C GLU A 73 -11.08 7.11 13.64
N ILE A 74 -10.20 7.90 14.27
CA ILE A 74 -9.53 7.49 15.52
C ILE A 74 -9.53 8.64 16.51
N GLU A 75 -9.84 8.32 17.77
CA GLU A 75 -9.98 9.32 18.83
C GLU A 75 -8.62 9.80 19.31
N LYS A 76 -8.56 11.11 19.62
CA LYS A 76 -7.33 11.71 20.12
C LYS A 76 -6.93 11.15 21.48
N LYS A 77 -7.88 11.01 22.39
CA LYS A 77 -7.58 10.61 23.77
C LYS A 77 -7.04 9.19 23.83
N LYS A 78 -7.80 8.22 23.31
CA LYS A 78 -7.43 6.82 23.46
C LYS A 78 -6.10 6.52 22.79
N TYR A 79 -5.82 7.17 21.66
CA TYR A 79 -4.65 6.83 20.85
C TYR A 79 -3.56 7.91 20.91
N LYS A 80 -3.65 8.81 21.90
CA LYS A 80 -2.57 9.75 22.23
C LYS A 80 -2.13 10.55 21.01
N LEU A 81 -3.10 11.06 20.26
CA LEU A 81 -2.85 11.88 19.08
C LEU A 81 -2.93 13.36 19.44
N ASP A 82 -2.41 14.18 18.54
CA ASP A 82 -2.50 15.61 18.80
CA ASP A 82 -2.46 15.64 18.67
C ASP A 82 -3.87 16.19 18.42
N LYS A 83 -4.70 15.44 17.68
CA LYS A 83 -6.06 15.82 17.33
C LYS A 83 -6.88 14.56 17.11
N ASP A 84 -8.20 14.68 17.22
CA ASP A 84 -9.07 13.67 16.63
C ASP A 84 -8.76 13.59 15.14
N SER A 85 -8.50 12.37 14.65
CA SER A 85 -7.87 12.19 13.36
C SER A 85 -8.62 11.16 12.53
N VAL A 86 -8.13 10.95 11.30
CA VAL A 86 -8.68 9.94 10.41
C VAL A 86 -7.53 9.16 9.78
N ILE A 87 -7.66 7.82 9.76
CA ILE A 87 -6.75 6.96 9.02
C ILE A 87 -7.15 6.97 7.56
N LEU A 88 -6.20 7.27 6.68
CA LEU A 88 -6.46 7.38 5.24
C LEU A 88 -6.00 6.10 4.56
N LEU A 89 -6.92 5.17 4.36
CA LEU A 89 -6.51 3.94 3.69
C LEU A 89 -6.37 4.13 2.18
N GLU A 90 -6.60 5.34 1.66
CA GLU A 90 -6.23 5.69 0.29
C GLU A 90 -4.82 6.29 0.21
N GLN A 91 -4.14 6.48 1.34
CA GLN A 91 -2.79 7.01 1.38
C GLN A 91 -1.90 5.96 2.05
N ILE A 92 -1.33 5.10 1.23
CA ILE A 92 -0.54 3.94 1.64
C ILE A 92 0.84 4.08 1.05
N ARG A 93 1.87 3.69 1.80
CA ARG A 93 3.21 3.80 1.25
C ARG A 93 4.12 2.85 1.99
N THR A 94 5.12 2.33 1.26
CA THR A 94 6.15 1.48 1.82
C THR A 94 7.23 2.37 2.42
N LEU A 95 7.67 2.06 3.63
CA LEU A 95 8.55 2.92 4.39
C LEU A 95 9.75 2.14 4.89
N ASP A 96 10.95 2.69 4.67
CA ASP A 96 12.14 2.18 5.33
C ASP A 96 11.98 2.26 6.84
N LYS A 97 12.31 1.18 7.53
CA LYS A 97 12.14 1.14 8.99
C LYS A 97 12.95 2.21 9.71
N LYS A 98 14.04 2.70 9.10
CA LYS A 98 14.82 3.76 9.72
C LYS A 98 14.02 5.06 9.85
N ARG A 99 12.91 5.18 9.14
CA ARG A 99 12.06 6.36 9.24
C ARG A 99 11.06 6.29 10.39
N LEU A 100 10.97 5.14 11.06
CA LEU A 100 10.09 5.02 12.21
C LEU A 100 10.76 5.62 13.44
N LYS A 101 10.09 6.59 14.05
CA LYS A 101 10.58 7.13 15.31
C LYS A 101 9.88 6.41 16.46
N GLU A 102 9.23 7.15 17.34
CA GLU A 102 8.63 6.58 18.53
C GLU A 102 7.32 5.86 18.20
N LYS A 103 7.05 4.82 18.97
CA LYS A 103 5.78 4.09 18.89
C LYS A 103 4.80 4.75 19.85
N LEU A 104 3.77 5.40 19.29
CA LEU A 104 2.78 6.08 20.13
C LEU A 104 1.90 5.08 20.86
N THR A 105 1.26 4.19 20.11
CA THR A 105 0.27 3.28 20.66
C THR A 105 -0.03 2.18 19.65
N TYR A 106 -1.14 1.48 19.84
CA TYR A 106 -1.61 0.48 18.90
CA TYR A 106 -1.61 0.46 18.91
C TYR A 106 -3.13 0.54 18.85
N LEU A 107 -3.69 0.14 17.71
CA LEU A 107 -5.13 0.20 17.53
C LEU A 107 -5.81 -0.95 18.25
N SER A 108 -7.04 -0.71 18.70
CA SER A 108 -7.83 -1.77 19.30
C SER A 108 -8.18 -2.81 18.24
N ASP A 109 -8.53 -4.00 18.71
CA ASP A 109 -8.88 -5.09 17.78
C ASP A 109 -10.08 -4.72 16.93
N ASP A 110 -11.08 -4.04 17.52
CA ASP A 110 -12.24 -3.59 16.75
C ASP A 110 -11.84 -2.48 15.78
N LYS A 111 -10.98 -1.56 16.22
CA LYS A 111 -10.51 -0.50 15.34
C LYS A 111 -9.67 -1.07 14.20
N MET A 112 -8.86 -2.09 14.48
CA MET A 112 -8.08 -2.74 13.43
C MET A 112 -8.99 -3.42 12.41
N LYS A 113 -10.15 -3.91 12.85
CA LYS A 113 -11.06 -4.54 11.90
C LYS A 113 -11.66 -3.50 10.95
N GLU A 114 -11.94 -2.29 11.45
CA GLU A 114 -12.36 -1.21 10.56
C GLU A 114 -11.27 -0.87 9.55
N VAL A 115 -10.02 -0.88 9.99
CA VAL A 115 -8.90 -0.61 9.08
C VAL A 115 -8.82 -1.68 8.01
N ASP A 116 -8.95 -2.96 8.40
CA ASP A 116 -8.93 -4.06 7.44
C ASP A 116 -10.02 -3.88 6.39
N ASN A 117 -11.25 -3.59 6.83
CA ASN A 117 -12.37 -3.41 5.92
CA ASN A 117 -12.35 -3.43 5.90
C ASN A 117 -12.12 -2.26 4.95
N ALA A 118 -11.60 -1.14 5.46
CA ALA A 118 -11.33 0.00 4.60
C ALA A 118 -10.16 -0.28 3.64
N LEU A 119 -9.17 -1.06 4.09
CA LEU A 119 -8.10 -1.50 3.22
C LEU A 119 -8.63 -2.36 2.08
N MET A 120 -9.56 -3.28 2.40
CA MET A 120 -10.17 -4.09 1.34
C MET A 120 -10.90 -3.22 0.33
N ILE A 121 -11.66 -2.24 0.80
CA ILE A 121 -12.33 -1.30 -0.10
C ILE A 121 -11.29 -0.55 -0.92
N SER A 122 -10.27 -0.01 -0.26
CA SER A 122 -9.30 0.83 -0.94
C SER A 122 -8.62 0.09 -2.08
N LEU A 123 -8.17 -1.14 -1.84
CA LEU A 123 -7.43 -1.90 -2.83
C LEU A 123 -8.32 -2.83 -3.65
N GLY A 124 -9.63 -2.64 -3.63
CA GLY A 124 -10.50 -3.44 -4.46
C GLY A 124 -10.43 -4.94 -4.22
N LEU A 125 -10.24 -5.34 -2.96
CA LEU A 125 -10.09 -6.74 -2.60
C LEU A 125 -11.39 -7.37 -2.13
N ASN A 126 -12.48 -6.60 -2.08
CA ASN A 126 -13.85 -7.04 -1.74
C ASN A 126 -14.05 -7.24 -0.24
N ALA A 127 -13.91 -6.16 0.52
N HIS B 9 -3.75 13.93 -27.87
CA HIS B 9 -4.92 13.70 -27.04
C HIS B 9 -4.62 12.77 -25.87
N HIS B 10 -4.94 13.22 -24.65
CA HIS B 10 -4.83 12.40 -23.47
C HIS B 10 -6.02 11.45 -23.40
N SER B 11 -5.74 10.14 -23.45
CA SER B 11 -6.80 9.14 -23.47
C SER B 11 -7.70 9.28 -22.24
N GLN B 12 -9.00 9.51 -22.50
CA GLN B 12 -9.98 9.58 -21.42
C GLN B 12 -10.37 8.19 -20.91
N ASP B 13 -9.84 7.13 -21.51
CA ASP B 13 -10.10 5.77 -21.05
C ASP B 13 -9.70 5.66 -19.58
N PRO B 14 -10.58 5.18 -18.71
CA PRO B 14 -10.29 5.23 -17.27
C PRO B 14 -9.18 4.28 -16.88
N ILE B 15 -8.32 4.76 -15.97
CA ILE B 15 -7.36 3.90 -15.29
C ILE B 15 -8.11 2.77 -14.61
N ARG B 16 -7.63 1.55 -14.80
CA ARG B 16 -8.26 0.38 -14.22
C ARG B 16 -7.27 -0.42 -13.37
N ARG B 17 -7.80 -1.01 -12.31
CA ARG B 17 -7.03 -1.92 -11.49
C ARG B 17 -6.46 -3.02 -12.37
N GLY B 18 -5.16 -3.29 -12.23
CA GLY B 18 -4.48 -4.25 -13.06
C GLY B 18 -3.79 -3.66 -14.29
N ASP B 19 -4.06 -2.39 -14.61
CA ASP B 19 -3.29 -1.75 -15.66
C ASP B 19 -1.82 -1.65 -15.25
N VAL B 20 -0.94 -1.73 -16.23
CA VAL B 20 0.49 -1.53 -16.03
C VAL B 20 0.84 -0.19 -16.70
N TYR B 21 1.24 0.77 -15.89
CA TYR B 21 1.63 2.09 -16.37
C TYR B 21 3.11 2.33 -16.16
N LEU B 22 3.70 3.11 -17.05
CA LEU B 22 4.98 3.77 -16.78
C LEU B 22 4.71 4.97 -15.87
N ALA B 23 5.51 5.12 -14.81
CA ALA B 23 5.22 6.14 -13.81
C ALA B 23 6.51 6.77 -13.31
N ASP B 24 6.45 8.08 -13.02
CA ASP B 24 7.55 8.81 -12.40
C ASP B 24 7.51 8.60 -10.90
N LEU B 25 8.49 7.87 -10.37
CA LEU B 25 8.52 7.54 -8.95
C LEU B 25 9.54 8.37 -8.17
N SER B 26 10.25 9.28 -8.84
CA SER B 26 11.26 10.07 -8.14
C SER B 26 10.59 10.98 -7.12
N PRO B 27 11.19 11.16 -5.93
CA PRO B 27 12.42 10.48 -5.50
C PRO B 27 12.14 9.26 -4.61
N VAL B 28 13.19 8.55 -4.22
CA VAL B 28 13.06 7.38 -3.37
C VAL B 28 13.59 7.67 -1.97
CA GLY B 35 12.91 7.46 -11.94
C GLY B 35 11.58 6.99 -12.49
N VAL B 36 11.55 6.71 -13.80
CA VAL B 36 10.35 6.24 -14.47
C VAL B 36 10.45 4.73 -14.65
N ARG B 37 9.46 4.01 -14.12
CA ARG B 37 9.46 2.55 -14.07
C ARG B 37 8.03 2.06 -14.27
N PRO B 38 7.87 0.78 -14.63
CA PRO B 38 6.52 0.21 -14.70
C PRO B 38 5.97 -0.05 -13.30
N VAL B 39 4.66 0.14 -13.16
CA VAL B 39 3.92 -0.14 -11.92
C VAL B 39 2.58 -0.73 -12.29
N VAL B 40 1.97 -1.43 -11.33
CA VAL B 40 0.65 -2.00 -11.50
CA VAL B 40 0.64 -2.03 -11.48
C VAL B 40 -0.33 -1.25 -10.62
N ILE B 41 -1.45 -0.84 -11.21
CA ILE B 41 -2.52 -0.17 -10.47
C ILE B 41 -3.23 -1.20 -9.60
N ILE B 42 -3.26 -0.99 -8.29
CA ILE B 42 -3.93 -1.90 -7.37
C ILE B 42 -5.09 -1.25 -6.63
N GLN B 43 -5.27 0.07 -6.73
CA GLN B 43 -6.41 0.74 -6.13
C GLN B 43 -7.73 0.36 -6.81
N ASN B 44 -8.81 0.37 -6.02
CA ASN B 44 -10.16 0.12 -6.51
C ASN B 44 -10.52 1.03 -7.69
N ASP B 45 -11.41 0.53 -8.55
CA ASP B 45 -11.73 1.25 -9.79
C ASP B 45 -12.59 2.49 -9.59
N THR B 46 -13.29 2.64 -8.46
CA THR B 46 -14.01 3.89 -8.21
C THR B 46 -13.03 5.02 -7.92
N GLY B 47 -12.06 4.78 -7.04
CA GLY B 47 -11.00 5.77 -6.85
C GLY B 47 -10.23 5.99 -8.13
N ASN B 48 -10.00 4.93 -8.91
CA ASN B 48 -9.26 5.09 -10.15
C ASN B 48 -9.98 6.02 -11.12
N LYS B 49 -11.31 6.01 -11.10
CA LYS B 49 -12.07 6.87 -12.00
C LYS B 49 -12.04 8.33 -11.54
N TYR B 50 -12.20 8.58 -10.23
CA TYR B 50 -12.46 9.94 -9.75
C TYR B 50 -11.38 10.56 -8.89
N SER B 51 -10.47 9.77 -8.32
CA SER B 51 -9.57 10.34 -7.32
C SER B 51 -8.41 11.10 -7.97
N PRO B 52 -7.84 12.09 -7.26
CA PRO B 52 -6.56 12.65 -7.73
C PRO B 52 -5.39 11.68 -7.63
N THR B 53 -5.52 10.60 -6.85
CA THR B 53 -4.41 9.71 -6.61
C THR B 53 -4.78 8.27 -6.95
N VAL B 54 -3.75 7.46 -7.21
CA VAL B 54 -3.89 6.03 -7.39
C VAL B 54 -2.92 5.36 -6.43
N ILE B 55 -3.14 4.06 -6.19
CA ILE B 55 -2.23 3.24 -5.41
C ILE B 55 -1.66 2.21 -6.37
N VAL B 56 -0.34 2.01 -6.31
CA VAL B 56 0.39 1.20 -7.28
C VAL B 56 1.36 0.29 -6.53
N ALA B 57 1.72 -0.82 -7.18
CA ALA B 57 2.79 -1.69 -6.70
C ALA B 57 3.93 -1.69 -7.71
N ALA B 58 5.15 -1.75 -7.21
CA ALA B 58 6.33 -1.63 -8.06
C ALA B 58 6.52 -2.90 -8.89
N ILE B 59 7.11 -2.71 -10.07
CA ILE B 59 7.56 -3.78 -10.94
C ILE B 59 9.06 -3.63 -11.10
N THR B 60 9.81 -4.72 -10.96
CA THR B 60 11.25 -4.65 -11.12
C THR B 60 11.72 -5.72 -12.11
N GLY B 61 12.72 -5.36 -12.91
CA GLY B 61 13.49 -6.30 -13.69
C GLY B 61 14.79 -6.70 -13.05
N ARG B 62 15.07 -6.22 -11.82
CA ARG B 62 16.28 -6.63 -11.12
CA ARG B 62 16.28 -6.63 -11.12
C ARG B 62 16.28 -8.13 -10.81
N ILE B 63 15.09 -8.70 -10.61
CA ILE B 63 14.92 -10.13 -10.41
C ILE B 63 13.93 -10.61 -11.46
N ASN B 64 14.02 -11.89 -11.81
CA ASN B 64 13.08 -12.51 -12.74
C ASN B 64 12.35 -13.68 -12.11
N LYS B 65 12.56 -13.91 -10.81
CA LYS B 65 11.90 -14.99 -10.09
C LYS B 65 11.41 -14.46 -8.76
N ALA B 66 10.23 -14.92 -8.35
CA ALA B 66 9.71 -14.56 -7.04
C ALA B 66 10.69 -15.01 -5.96
N LYS B 67 11.07 -14.08 -5.08
CA LYS B 67 12.01 -14.37 -4.01
C LYS B 67 11.35 -14.51 -2.64
N ILE B 68 10.22 -13.83 -2.43
CA ILE B 68 9.50 -13.86 -1.16
C ILE B 68 8.00 -13.99 -1.44
N PRO B 69 7.17 -14.28 -0.44
CA PRO B 69 5.74 -14.57 -0.73
C PRO B 69 4.96 -13.38 -1.30
N THR B 70 5.47 -12.16 -1.24
CA THR B 70 4.75 -11.01 -1.78
C THR B 70 5.04 -10.76 -3.26
N HIS B 71 5.75 -11.67 -3.92
CA HIS B 71 6.19 -11.46 -5.30
C HIS B 71 5.30 -12.20 -6.29
N VAL B 72 5.02 -11.56 -7.42
CA VAL B 72 4.33 -12.18 -8.55
C VAL B 72 5.13 -11.97 -9.83
N GLU B 73 5.45 -13.06 -10.52
CA GLU B 73 6.21 -12.99 -11.77
C GLU B 73 5.30 -12.58 -12.93
N ILE B 74 5.87 -11.84 -13.87
CA ILE B 74 5.20 -11.49 -15.13
C ILE B 74 6.22 -11.61 -16.26
N GLU B 75 5.82 -12.26 -17.36
CA GLU B 75 6.72 -12.57 -18.46
CA GLU B 75 6.75 -12.55 -18.45
C GLU B 75 6.82 -11.40 -19.44
N LYS B 76 8.01 -11.26 -20.05
CA LYS B 76 8.33 -10.10 -20.89
C LYS B 76 7.41 -9.99 -22.09
N LYS B 77 7.25 -11.08 -22.85
CA LYS B 77 6.57 -10.99 -24.15
C LYS B 77 5.08 -10.78 -23.98
N LYS B 78 4.45 -11.47 -23.04
CA LYS B 78 3.01 -11.32 -22.83
C LYS B 78 2.65 -9.88 -22.48
N TYR B 79 3.51 -9.20 -21.72
CA TYR B 79 3.18 -7.89 -21.15
C TYR B 79 4.03 -6.77 -21.71
N LYS B 80 4.68 -6.97 -22.86
CA LYS B 80 5.43 -5.93 -23.56
C LYS B 80 6.49 -5.31 -22.65
N LEU B 81 7.25 -6.16 -21.97
CA LEU B 81 8.30 -5.72 -21.08
C LEU B 81 9.67 -5.86 -21.76
N ASP B 82 10.64 -5.09 -21.25
CA ASP B 82 12.00 -5.24 -21.74
C ASP B 82 12.67 -6.51 -21.23
N LYS B 83 12.21 -7.05 -20.10
CA LYS B 83 12.72 -8.31 -19.59
C LYS B 83 11.69 -8.90 -18.64
N ASP B 84 11.86 -10.19 -18.33
CA ASP B 84 11.00 -10.83 -17.35
C ASP B 84 11.12 -10.11 -16.02
N SER B 85 9.97 -9.83 -15.39
CA SER B 85 9.93 -8.95 -14.24
C SER B 85 9.14 -9.62 -13.11
N VAL B 86 9.12 -8.95 -11.97
CA VAL B 86 8.40 -9.40 -10.78
C VAL B 86 7.64 -8.21 -10.20
N ILE B 87 6.37 -8.42 -9.89
CA ILE B 87 5.56 -7.44 -9.17
C ILE B 87 5.85 -7.58 -7.68
N LEU B 88 6.21 -6.46 -7.04
CA LEU B 88 6.63 -6.44 -5.64
C LEU B 88 5.47 -5.93 -4.79
N LEU B 89 4.67 -6.84 -4.24
CA LEU B 89 3.55 -6.38 -3.43
C LEU B 89 3.97 -5.95 -2.03
N GLU B 90 5.27 -5.99 -1.72
CA GLU B 90 5.81 -5.34 -0.55
C GLU B 90 6.20 -3.89 -0.85
N GLN B 91 6.07 -3.45 -2.10
CA GLN B 91 6.52 -2.12 -2.51
C GLN B 91 5.31 -1.40 -3.09
N ILE B 92 4.56 -0.75 -2.20
CA ILE B 92 3.30 -0.08 -2.50
C ILE B 92 3.52 1.42 -2.33
N ARG B 93 2.80 2.21 -3.13
CA ARG B 93 2.94 3.65 -3.07
C ARG B 93 1.66 4.27 -3.58
N THR B 94 1.30 5.42 -3.00
CA THR B 94 0.17 6.20 -3.48
C THR B 94 0.74 7.33 -4.32
N LEU B 95 0.25 7.45 -5.56
CA LEU B 95 0.81 8.39 -6.53
C LEU B 95 -0.25 9.37 -7.01
N ASP B 96 0.13 10.64 -7.14
CA ASP B 96 -0.70 11.56 -7.89
CA ASP B 96 -0.70 11.55 -7.89
C ASP B 96 -0.83 11.07 -9.33
N LYS B 97 -2.02 11.23 -9.90
CA LYS B 97 -2.26 10.71 -11.25
C LYS B 97 -1.35 11.37 -12.29
N LYS B 98 -0.91 12.61 -12.04
CA LYS B 98 0.01 13.27 -12.96
C LYS B 98 1.27 12.45 -13.19
N ARG B 99 1.67 11.65 -12.20
CA ARG B 99 2.90 10.89 -12.32
C ARG B 99 2.76 9.70 -13.25
N LEU B 100 1.52 9.31 -13.60
CA LEU B 100 1.33 8.24 -14.56
C LEU B 100 1.68 8.73 -15.97
N LYS B 101 2.52 7.98 -16.66
CA LYS B 101 2.83 8.33 -18.05
C LYS B 101 1.94 7.54 -18.99
N GLU B 102 2.55 6.65 -19.76
CA GLU B 102 1.80 5.89 -20.74
C GLU B 102 1.36 4.55 -20.15
N LYS B 103 0.18 4.10 -20.57
CA LYS B 103 -0.28 2.76 -20.23
C LYS B 103 0.48 1.75 -21.08
N LEU B 104 1.25 0.87 -20.44
CA LEU B 104 2.00 -0.14 -21.17
C LEU B 104 1.10 -1.30 -21.60
N THR B 105 0.32 -1.85 -20.66
CA THR B 105 -0.48 -3.04 -20.87
C THR B 105 -1.40 -3.24 -19.68
N TYR B 106 -1.97 -4.43 -19.51
CA TYR B 106 -2.72 -4.75 -18.30
C TYR B 106 -2.66 -6.25 -18.06
N LEU B 107 -2.83 -6.65 -16.80
CA LEU B 107 -2.58 -8.02 -16.39
C LEU B 107 -3.76 -8.93 -16.74
N SER B 108 -3.48 -10.21 -16.96
CA SER B 108 -4.56 -11.16 -17.17
C SER B 108 -5.36 -11.35 -15.89
N ASP B 109 -6.55 -11.94 -16.04
CA ASP B 109 -7.41 -12.15 -14.88
C ASP B 109 -6.74 -13.07 -13.86
N ASP B 110 -6.06 -14.12 -14.33
CA ASP B 110 -5.37 -15.02 -13.42
C ASP B 110 -4.19 -14.32 -12.74
N LYS B 111 -3.40 -13.59 -13.51
CA LYS B 111 -2.29 -12.85 -12.95
C LYS B 111 -2.78 -11.84 -11.91
N MET B 112 -3.91 -11.18 -12.19
CA MET B 112 -4.47 -10.25 -11.22
C MET B 112 -4.93 -10.97 -9.95
N LYS B 113 -5.50 -12.17 -10.11
CA LYS B 113 -5.85 -13.00 -8.95
C LYS B 113 -4.62 -13.31 -8.11
N GLU B 114 -3.47 -13.56 -8.76
CA GLU B 114 -2.23 -13.75 -8.03
C GLU B 114 -1.80 -12.48 -7.31
N VAL B 115 -1.97 -11.33 -7.96
CA VAL B 115 -1.63 -10.07 -7.30
C VAL B 115 -2.50 -9.86 -6.06
N ASP B 116 -3.81 -10.15 -6.18
CA ASP B 116 -4.69 -10.01 -5.03
C ASP B 116 -4.21 -10.86 -3.86
N ASN B 117 -3.88 -12.13 -4.14
CA ASN B 117 -3.42 -13.04 -3.11
C ASN B 117 -2.14 -12.52 -2.44
N ALA B 118 -1.18 -12.07 -3.25
CA ALA B 118 0.08 -11.57 -2.70
C ALA B 118 -0.14 -10.27 -1.92
N LEU B 119 -1.12 -9.48 -2.33
CA LEU B 119 -1.48 -8.26 -1.61
C LEU B 119 -2.14 -8.57 -0.28
N MET B 120 -2.96 -9.63 -0.22
CA MET B 120 -3.53 -10.06 1.05
C MET B 120 -2.45 -10.56 2.00
N ILE B 121 -1.46 -11.28 1.48
CA ILE B 121 -0.33 -11.69 2.29
C ILE B 121 0.47 -10.48 2.75
N SER B 122 0.85 -9.62 1.79
CA SER B 122 1.66 -8.45 2.12
C SER B 122 1.05 -7.65 3.25
N LEU B 123 -0.26 -7.41 3.19
CA LEU B 123 -0.95 -6.51 4.11
C LEU B 123 -1.66 -7.24 5.25
N GLY B 124 -1.34 -8.51 5.48
CA GLY B 124 -1.90 -9.24 6.60
C GLY B 124 -3.41 -9.33 6.64
N LEU B 125 -4.05 -9.47 5.47
CA LEU B 125 -5.51 -9.49 5.41
C LEU B 125 -6.11 -10.88 5.34
N ASN B 126 -5.32 -11.91 5.06
CA ASN B 126 -5.86 -13.26 4.99
C ASN B 126 -6.33 -13.73 6.37
N ALA B 127 -7.40 -14.53 6.35
CA ALA B 127 -7.95 -15.08 7.58
C ALA B 127 -7.14 -16.28 8.06
CA VAL C 3 31.17 -24.90 -7.96
C VAL C 3 31.38 -23.48 -7.44
N GLN C 4 30.35 -22.64 -7.58
CA GLN C 4 30.45 -21.24 -7.18
C GLN C 4 30.20 -21.03 -5.69
N LEU C 5 29.53 -21.97 -5.03
CA LEU C 5 29.38 -21.99 -3.57
C LEU C 5 29.75 -23.38 -3.08
N GLN C 6 30.67 -23.47 -2.14
CA GLN C 6 31.16 -24.76 -1.64
C GLN C 6 31.13 -24.74 -0.12
N GLU C 7 30.36 -25.65 0.48
CA GLU C 7 30.31 -25.79 1.93
C GLU C 7 31.41 -26.73 2.40
N SER C 8 31.87 -26.50 3.63
CA SER C 8 32.87 -27.36 4.25
C SER C 8 32.74 -27.20 5.76
N GLY C 9 33.58 -27.93 6.49
CA GLY C 9 33.63 -27.82 7.93
C GLY C 9 32.67 -28.70 8.69
N GLY C 10 31.98 -29.62 8.01
CA GLY C 10 31.07 -30.53 8.67
C GLY C 10 31.72 -31.87 9.00
N GLY C 11 31.09 -32.62 9.89
N GLY C 11 31.05 -32.61 9.89
CA GLY C 11 31.54 -33.99 10.13
CA GLY C 11 31.50 -33.92 10.32
C GLY C 11 31.63 -34.49 11.55
C GLY C 11 30.64 -34.49 11.42
N LEU C 12 30.50 -34.94 12.10
N LEU C 12 31.25 -35.30 12.28
CA LEU C 12 30.42 -35.74 13.32
CA LEU C 12 30.57 -35.90 13.42
C LEU C 12 30.82 -34.98 14.58
C LEU C 12 30.94 -35.16 14.70
N VAL C 13 29.98 -35.10 15.62
CA VAL C 13 30.19 -34.42 16.89
C VAL C 13 29.17 -35.00 17.88
N GLN C 14 29.52 -35.00 19.16
CA GLN C 14 28.59 -35.53 20.13
C GLN C 14 27.59 -34.46 20.55
N PRO C 15 26.41 -34.88 21.07
CA PRO C 15 25.42 -33.90 21.54
C PRO C 15 26.01 -32.87 22.50
N GLY C 16 25.94 -31.60 22.12
CA GLY C 16 26.55 -30.53 22.88
C GLY C 16 27.75 -29.90 22.22
N GLY C 17 28.31 -30.53 21.19
CA GLY C 17 29.51 -30.03 20.53
C GLY C 17 29.23 -28.89 19.57
N SER C 18 30.27 -28.49 18.85
CA SER C 18 30.21 -27.36 17.95
C SER C 18 30.87 -27.69 16.63
N LEU C 19 30.36 -27.08 15.57
CA LEU C 19 30.98 -27.11 14.25
C LEU C 19 30.86 -25.71 13.65
N ARG C 20 31.77 -25.38 12.74
N ARG C 20 31.76 -25.40 12.72
CA ARG C 20 31.69 -24.12 11.99
CA ARG C 20 31.73 -24.14 11.99
C ARG C 20 31.71 -24.44 10.51
C ARG C 20 31.71 -24.46 10.50
N LEU C 21 30.54 -24.33 9.87
CA LEU C 21 30.43 -24.58 8.44
C LEU C 21 30.89 -23.35 7.67
N SER C 22 31.65 -23.60 6.60
CA SER C 22 32.13 -22.56 5.72
C SER C 22 31.31 -22.54 4.44
N CYS C 23 31.22 -21.37 3.81
CA CYS C 23 30.55 -21.23 2.52
C CYS C 23 31.42 -20.30 1.67
N ALA C 24 32.18 -20.88 0.75
CA ALA C 24 33.15 -20.14 -0.03
C ALA C 24 32.55 -19.72 -1.37
N ALA C 25 32.64 -18.42 -1.66
CA ALA C 25 32.17 -17.86 -2.93
C ALA C 25 33.32 -17.69 -3.90
N SER C 26 33.09 -18.08 -5.15
CA SER C 26 34.09 -17.98 -6.21
C SER C 26 33.53 -17.13 -7.35
N GLY C 27 34.31 -16.12 -7.76
CA GLY C 27 33.89 -15.22 -8.83
C GLY C 27 33.04 -14.06 -8.39
N PHE C 28 32.51 -14.08 -7.17
CA PHE C 28 31.74 -12.97 -6.63
C PHE C 28 31.95 -12.93 -5.13
N THR C 29 31.72 -11.76 -4.55
CA THR C 29 31.75 -11.59 -3.10
C THR C 29 30.33 -11.55 -2.56
N PHE C 30 30.21 -11.85 -1.27
CA PHE C 30 28.91 -11.86 -0.60
C PHE C 30 28.38 -10.47 -0.26
N ASP C 31 29.10 -9.41 -0.62
CA ASP C 31 28.69 -8.06 -0.28
C ASP C 31 27.31 -7.75 -0.87
N ASN C 32 26.37 -7.36 0.00
CA ASN C 32 25.02 -6.99 -0.40
C ASN C 32 24.28 -8.15 -1.06
N TYR C 33 24.61 -9.36 -0.67
CA TYR C 33 23.89 -10.56 -1.10
C TYR C 33 23.00 -11.05 0.03
N ALA C 34 21.79 -11.49 -0.32
CA ALA C 34 21.02 -12.31 0.61
C ALA C 34 21.71 -13.66 0.76
N ILE C 35 21.76 -14.16 1.98
CA ILE C 35 22.45 -15.42 2.28
C ILE C 35 21.51 -16.29 3.10
N GLY C 36 21.42 -17.56 2.73
CA GLY C 36 20.60 -18.52 3.46
C GLY C 36 21.35 -19.81 3.72
N TRP C 37 21.23 -20.30 4.95
CA TRP C 37 21.68 -21.63 5.32
C TRP C 37 20.46 -22.54 5.44
N PHE C 38 20.53 -23.71 4.79
CA PHE C 38 19.43 -24.67 4.75
C PHE C 38 19.96 -26.03 5.17
N ARG C 39 19.05 -26.89 5.64
CA ARG C 39 19.42 -28.26 5.94
C ARG C 39 18.34 -29.21 5.43
N GLN C 40 18.76 -30.42 5.08
CA GLN C 40 17.86 -31.45 4.57
C GLN C 40 18.13 -32.74 5.33
N ALA C 41 17.15 -33.16 6.13
CA ALA C 41 17.23 -34.41 6.87
C ALA C 41 16.77 -35.57 5.99
N PRO C 42 17.12 -36.81 6.35
CA PRO C 42 16.67 -37.96 5.56
C PRO C 42 15.15 -38.06 5.53
N GLY C 43 14.59 -38.03 4.33
CA GLY C 43 13.16 -38.19 4.13
C GLY C 43 12.34 -36.93 4.31
N LYS C 44 12.87 -35.91 4.96
CA LYS C 44 12.15 -34.66 5.20
C LYS C 44 12.53 -33.62 4.16
N GLU C 45 11.64 -32.65 3.98
CA GLU C 45 11.90 -31.58 3.02
C GLU C 45 12.96 -30.63 3.56
N ARG C 46 13.75 -30.07 2.64
CA ARG C 46 14.78 -29.11 3.01
CA ARG C 46 14.78 -29.11 3.01
C ARG C 46 14.16 -27.95 3.78
N GLU C 47 14.82 -27.54 4.86
CA GLU C 47 14.31 -26.51 5.74
C GLU C 47 15.31 -25.36 5.86
N GLY C 48 14.79 -24.13 5.91
CA GLY C 48 15.63 -22.99 6.18
C GLY C 48 16.03 -22.94 7.65
N VAL C 49 17.30 -22.62 7.89
CA VAL C 49 17.87 -22.63 9.23
C VAL C 49 18.18 -21.23 9.72
N LEU C 50 18.91 -20.45 8.92
CA LEU C 50 19.21 -19.07 9.26
C LEU C 50 19.43 -18.33 7.96
N CYS C 51 18.77 -17.19 7.81
CA CYS C 51 18.72 -16.50 6.53
C CYS C 51 18.74 -14.99 6.75
N ILE C 52 19.48 -14.31 5.89
CA ILE C 52 19.60 -12.85 5.91
C ILE C 52 19.21 -12.33 4.54
N GLY C 53 18.25 -11.42 4.51
CA GLY C 53 17.95 -10.70 3.29
C GLY C 53 18.76 -9.41 3.27
N SER C 54 18.11 -8.31 3.64
CA SER C 54 18.81 -7.03 3.78
C SER C 54 19.48 -6.92 5.14
N SER C 55 20.66 -6.31 5.15
CA SER C 55 21.31 -5.96 6.41
C SER C 55 20.56 -4.87 7.17
N ASP C 56 19.62 -4.18 6.51
CA ASP C 56 18.73 -3.25 7.20
C ASP C 56 17.52 -3.94 7.79
N GLY C 57 17.32 -5.22 7.48
CA GLY C 57 16.30 -6.02 8.10
C GLY C 57 16.85 -6.80 9.26
N SER C 58 16.18 -7.91 9.59
CA SER C 58 16.60 -8.75 10.70
C SER C 58 16.80 -10.18 10.23
N THR C 59 17.71 -10.85 10.91
CA THR C 59 18.04 -12.23 10.60
C THR C 59 16.88 -13.15 10.98
N TYR C 60 16.58 -14.10 10.11
CA TYR C 60 15.60 -15.13 10.41
C TYR C 60 16.33 -16.37 10.90
N TYR C 61 15.84 -16.95 11.99
CA TYR C 61 16.32 -18.21 12.54
C TYR C 61 15.15 -19.19 12.57
N ALA C 62 15.40 -20.44 12.15
CA ALA C 62 14.46 -21.50 12.46
C ALA C 62 14.29 -21.58 13.97
N ASP C 63 13.09 -21.98 14.40
CA ASP C 63 12.76 -21.96 15.83
C ASP C 63 13.78 -22.74 16.66
N SER C 64 14.22 -23.90 16.15
CA SER C 64 15.07 -24.78 16.94
C SER C 64 16.49 -24.24 17.11
N VAL C 65 16.94 -23.30 16.29
CA VAL C 65 18.35 -22.98 16.16
C VAL C 65 18.74 -21.65 16.80
N LYS C 66 17.77 -20.83 17.21
CA LYS C 66 18.11 -19.54 17.79
C LYS C 66 18.85 -19.73 19.11
N GLY C 67 19.90 -18.94 19.29
CA GLY C 67 20.77 -19.08 20.43
C GLY C 67 21.82 -20.16 20.30
N ARG C 68 21.77 -20.95 19.23
CA ARG C 68 22.78 -21.96 18.97
C ARG C 68 23.57 -21.71 17.70
N PHE C 69 22.92 -21.22 16.65
CA PHE C 69 23.56 -20.98 15.36
C PHE C 69 23.62 -19.49 15.08
N THR C 70 24.80 -19.00 14.71
CA THR C 70 24.97 -17.62 14.27
C THR C 70 25.79 -17.60 12.99
N ILE C 71 25.66 -16.51 12.25
CA ILE C 71 26.32 -16.33 10.97
C ILE C 71 27.35 -15.22 11.10
N SER C 72 28.43 -15.32 10.33
CA SER C 72 29.47 -14.30 10.29
C SER C 72 30.13 -14.31 8.92
N SER C 73 30.82 -13.22 8.60
CA SER C 73 31.50 -13.05 7.32
C SER C 73 32.99 -13.28 7.48
N ASP C 74 33.72 -13.15 6.37
CA ASP C 74 35.16 -13.36 6.35
C ASP C 74 35.92 -12.07 6.06
N ASN C 75 35.40 -10.93 6.52
CA ASN C 75 36.02 -9.63 6.30
C ASN C 75 36.17 -9.35 4.81
N ALA C 76 37.03 -10.11 4.13
CA ALA C 76 37.07 -10.08 2.68
C ALA C 76 35.74 -10.47 2.05
N LYS C 77 34.80 -11.01 2.84
CA LYS C 77 33.47 -11.39 2.41
C LYS C 77 33.49 -12.42 1.28
N ASN C 78 34.58 -13.18 1.19
N ASN C 78 34.58 -13.18 1.20
CA ASN C 78 34.64 -14.32 0.28
CA ASN C 78 34.69 -14.32 0.31
C ASN C 78 34.11 -15.60 0.94
C ASN C 78 34.13 -15.59 0.94
N THR C 79 33.90 -15.59 2.26
CA THR C 79 33.41 -16.75 2.99
C THR C 79 32.33 -16.30 3.97
N VAL C 80 31.37 -17.20 4.19
CA VAL C 80 30.33 -17.02 5.19
C VAL C 80 30.33 -18.25 6.08
N TYR C 81 30.19 -18.04 7.38
CA TYR C 81 30.31 -19.12 8.36
C TYR C 81 29.02 -19.30 9.14
N LEU C 82 28.61 -20.55 9.31
CA LEU C 82 27.53 -20.91 10.22
C LEU C 82 28.16 -21.51 11.47
N GLN C 83 28.19 -20.75 12.56
CA GLN C 83 28.67 -21.27 13.84
C GLN C 83 27.55 -22.08 14.48
N MET C 84 27.75 -23.38 14.63
CA MET C 84 26.74 -24.27 15.18
C MET C 84 27.21 -24.79 16.53
N ASN C 85 26.59 -24.30 17.60
CA ASN C 85 26.91 -24.69 18.96
C ASN C 85 25.80 -25.54 19.54
N SER C 86 26.12 -26.26 20.63
CA SER C 86 25.14 -27.03 21.39
C SER C 86 24.37 -27.99 20.48
N LEU C 87 25.08 -28.63 19.56
CA LEU C 87 24.44 -29.51 18.59
C LEU C 87 23.65 -30.61 19.30
N LYS C 88 22.47 -30.90 18.76
CA LYS C 88 21.59 -31.96 19.23
C LYS C 88 21.40 -32.97 18.11
N PRO C 89 21.05 -34.22 18.43
CA PRO C 89 20.82 -35.22 17.37
C PRO C 89 19.81 -34.78 16.33
N GLU C 90 18.85 -33.95 16.71
CA GLU C 90 17.87 -33.44 15.75
C GLU C 90 18.52 -32.65 14.62
N ASP C 91 19.76 -32.20 14.79
CA ASP C 91 20.44 -31.36 13.81
C ASP C 91 21.18 -32.17 12.75
N THR C 92 21.12 -33.50 12.81
CA THR C 92 21.79 -34.32 11.82
C THR C 92 21.14 -34.13 10.46
N ALA C 93 21.93 -33.70 9.47
CA ALA C 93 21.44 -33.43 8.13
C ALA C 93 22.57 -33.00 7.22
N VAL C 94 22.27 -32.81 5.94
CA VAL C 94 23.16 -32.14 5.02
C VAL C 94 22.80 -30.65 5.01
N TYR C 95 23.80 -29.80 5.17
CA TYR C 95 23.62 -28.37 5.24
C TYR C 95 24.09 -27.71 3.95
N TYR C 96 23.30 -26.77 3.46
CA TYR C 96 23.59 -26.04 2.22
C TYR C 96 23.68 -24.56 2.53
N CYS C 97 24.48 -23.84 1.75
CA CYS C 97 24.39 -22.39 1.72
C CYS C 97 23.87 -21.94 0.37
N ALA C 98 23.19 -20.81 0.38
CA ALA C 98 22.60 -20.23 -0.82
C ALA C 98 22.74 -18.72 -0.74
N ALA C 99 22.80 -18.08 -1.91
CA ALA C 99 23.00 -16.65 -1.95
C ALA C 99 22.29 -16.08 -3.18
N ASP C 100 21.88 -14.81 -3.07
CA ASP C 100 21.19 -14.15 -4.14
C ASP C 100 21.56 -12.69 -4.17
N PRO C 101 21.79 -12.10 -5.35
CA PRO C 101 22.18 -10.69 -5.44
C PRO C 101 21.11 -9.71 -4.98
N TRP C 102 19.83 -10.11 -4.98
CA TRP C 102 18.75 -9.23 -4.57
C TRP C 102 18.61 -9.29 -3.06
N ASP C 103 19.06 -8.23 -2.38
CA ASP C 103 19.06 -8.20 -0.93
C ASP C 103 18.02 -7.23 -0.37
N SER C 104 16.91 -7.02 -1.08
CA SER C 104 15.84 -6.18 -0.59
C SER C 104 14.73 -6.97 0.11
N GLY C 105 14.88 -8.28 0.23
CA GLY C 105 13.91 -9.13 0.90
C GLY C 105 14.28 -9.42 2.33
N TYR C 106 13.80 -10.56 2.82
CA TYR C 106 13.94 -10.91 4.23
C TYR C 106 13.61 -12.39 4.38
N GLY C 107 14.14 -12.99 5.43
CA GLY C 107 13.86 -14.39 5.68
C GLY C 107 14.56 -15.28 4.67
N CYS C 108 14.15 -16.55 4.67
CA CYS C 108 14.67 -17.51 3.71
C CYS C 108 13.91 -17.36 2.40
N TYR C 109 14.65 -17.04 1.33
CA TYR C 109 14.03 -16.80 0.04
C TYR C 109 13.41 -18.07 -0.51
N LEU C 110 12.33 -17.90 -1.29
CA LEU C 110 11.77 -19.03 -2.04
C LEU C 110 12.69 -19.48 -3.16
N ASP C 111 13.65 -18.65 -3.55
CA ASP C 111 14.54 -18.94 -4.66
C ASP C 111 15.85 -18.21 -4.45
N TYR C 112 16.96 -18.91 -4.67
CA TYR C 112 18.30 -18.34 -4.61
C TYR C 112 19.03 -18.63 -5.90
N ASP C 113 19.72 -17.63 -6.44
CA ASP C 113 20.41 -17.82 -7.70
C ASP C 113 21.58 -18.79 -7.59
N TYR C 114 22.23 -18.85 -6.43
CA TYR C 114 23.45 -19.64 -6.26
C TYR C 114 23.27 -20.60 -5.09
N TRP C 115 23.56 -21.88 -5.30
CA TRP C 115 23.42 -22.91 -4.29
C TRP C 115 24.71 -23.71 -4.15
N GLY C 116 25.10 -23.97 -2.91
CA GLY C 116 26.22 -24.85 -2.64
C GLY C 116 25.85 -26.31 -2.82
N GLN C 117 26.88 -27.17 -2.71
CA GLN C 117 26.71 -28.60 -2.97
C GLN C 117 26.17 -29.34 -1.75
N GLY C 118 26.50 -28.88 -0.54
CA GLY C 118 26.04 -29.55 0.67
C GLY C 118 27.18 -30.16 1.47
N THR C 119 27.01 -30.21 2.79
CA THR C 119 27.99 -30.85 3.67
C THR C 119 27.25 -31.60 4.77
N GLN C 120 27.77 -32.77 5.13
CA GLN C 120 27.10 -33.65 6.07
C GLN C 120 27.43 -33.26 7.52
N VAL C 121 26.39 -33.25 8.35
CA VAL C 121 26.53 -33.01 9.78
C VAL C 121 25.77 -34.11 10.50
N THR C 122 26.45 -34.77 11.45
CA THR C 122 25.86 -35.86 12.20
C THR C 122 26.12 -35.65 13.68
N VAL C 123 25.07 -35.75 14.49
CA VAL C 123 25.14 -35.57 15.94
C VAL C 123 24.71 -36.87 16.57
N SER C 124 25.65 -37.58 17.21
CA SER C 124 25.37 -38.84 17.89
C SER C 124 26.59 -39.24 18.72
N SER C 125 26.34 -39.98 19.79
CA SER C 125 27.40 -40.50 20.64
C SER C 125 26.93 -41.74 21.42
N GLN D 2 -16.81 31.52 10.36
CA GLN D 2 -17.28 30.34 9.65
C GLN D 2 -18.15 30.72 8.45
N VAL D 3 -18.94 29.77 7.95
CA VAL D 3 -19.65 29.91 6.68
C VAL D 3 -21.07 29.39 6.83
N GLN D 4 -21.94 29.87 5.95
CA GLN D 4 -23.30 29.32 5.83
C GLN D 4 -23.68 29.36 4.36
N LEU D 5 -23.89 28.18 3.78
CA LEU D 5 -24.22 28.08 2.37
C LEU D 5 -25.72 28.35 2.15
N GLN D 6 -26.03 28.93 0.99
CA GLN D 6 -27.40 29.25 0.61
C GLN D 6 -27.60 29.00 -0.88
N GLU D 7 -28.51 28.09 -1.22
CA GLU D 7 -28.92 27.85 -2.60
C GLU D 7 -30.00 28.84 -3.01
N SER D 8 -30.01 29.18 -4.29
CA SER D 8 -31.12 29.91 -4.88
C SER D 8 -31.25 29.54 -6.35
N GLY D 9 -32.33 30.02 -6.97
CA GLY D 9 -32.59 29.79 -8.38
C GLY D 9 -33.55 28.65 -8.66
N GLY D 10 -34.04 27.96 -7.64
CA GLY D 10 -35.04 26.96 -7.84
C GLY D 10 -36.38 27.57 -8.23
N GLY D 11 -37.36 26.70 -8.41
CA GLY D 11 -38.68 27.13 -8.79
C GLY D 11 -39.34 26.09 -9.68
N LEU D 12 -40.35 26.55 -10.41
CA LEU D 12 -41.16 25.70 -11.26
C LEU D 12 -40.72 25.86 -12.71
N VAL D 13 -40.52 24.74 -13.39
CA VAL D 13 -40.15 24.74 -14.81
C VAL D 13 -40.97 23.67 -15.53
N GLN D 14 -41.16 23.88 -16.82
CA GLN D 14 -41.81 22.88 -17.64
C GLN D 14 -40.81 21.78 -18.02
N PRO D 15 -41.30 20.58 -18.31
CA PRO D 15 -40.40 19.54 -18.85
C PRO D 15 -39.61 20.06 -20.04
N GLY D 16 -38.33 19.66 -20.09
CA GLY D 16 -37.42 20.15 -21.09
C GLY D 16 -36.81 21.50 -20.77
N GLY D 17 -37.24 22.16 -19.69
CA GLY D 17 -36.78 23.49 -19.36
C GLY D 17 -35.43 23.48 -18.68
N SER D 18 -34.93 24.67 -18.40
CA SER D 18 -33.64 24.85 -17.77
C SER D 18 -33.79 25.66 -16.49
N LEU D 19 -32.80 25.49 -15.62
CA LEU D 19 -32.79 26.12 -14.31
C LEU D 19 -31.35 26.20 -13.85
N ARG D 20 -30.92 27.35 -13.37
CA ARG D 20 -29.56 27.50 -12.85
C ARG D 20 -29.64 27.75 -11.36
N LEU D 21 -29.21 26.78 -10.56
CA LEU D 21 -29.08 26.96 -9.13
C LEU D 21 -27.74 27.58 -8.83
N SER D 22 -27.74 28.51 -7.88
CA SER D 22 -26.51 29.12 -7.40
C SER D 22 -26.29 28.70 -5.96
N CYS D 23 -25.03 28.47 -5.60
CA CYS D 23 -24.66 28.18 -4.23
C CYS D 23 -23.66 29.25 -3.80
N ALA D 24 -24.10 30.17 -2.97
CA ALA D 24 -23.30 31.31 -2.55
C ALA D 24 -22.76 31.09 -1.15
N ALA D 25 -21.51 31.50 -0.94
CA ALA D 25 -20.80 31.27 0.31
C ALA D 25 -20.77 32.57 1.10
N SER D 26 -21.46 32.59 2.25
CA SER D 26 -21.51 33.77 3.09
C SER D 26 -20.16 34.13 3.71
N GLY D 27 -19.15 33.27 3.57
CA GLY D 27 -17.85 33.56 4.16
C GLY D 27 -16.68 33.32 3.23
N PHE D 28 -16.63 32.15 2.60
CA PHE D 28 -15.43 31.69 1.92
C PHE D 28 -15.57 31.80 0.40
N THR D 29 -14.50 31.39 -0.29
CA THR D 29 -14.51 31.13 -1.72
C THR D 29 -14.32 29.63 -1.93
N PHE D 30 -14.96 29.10 -2.98
CA PHE D 30 -14.93 27.66 -3.22
C PHE D 30 -13.56 27.18 -3.67
N ASP D 31 -12.51 27.94 -3.33
CA ASP D 31 -11.15 27.54 -3.63
C ASP D 31 -10.70 26.43 -2.69
N ASN D 32 -10.19 25.35 -3.28
CA ASN D 32 -9.67 24.20 -2.52
C ASN D 32 -10.74 23.65 -1.56
N TYR D 33 -11.99 23.67 -2.01
CA TYR D 33 -13.10 23.08 -1.29
C TYR D 33 -13.73 22.00 -2.15
N ALA D 34 -13.98 20.83 -1.57
CA ALA D 34 -14.87 19.87 -2.20
C ALA D 34 -16.27 20.46 -2.24
N ILE D 35 -17.03 20.10 -3.27
CA ILE D 35 -18.36 20.65 -3.52
C ILE D 35 -19.27 19.52 -3.96
N GLY D 36 -20.43 19.44 -3.33
CA GLY D 36 -21.43 18.45 -3.71
C GLY D 36 -22.78 19.10 -3.94
N TRP D 37 -23.49 18.59 -4.94
CA TRP D 37 -24.90 18.91 -5.15
C TRP D 37 -25.71 17.64 -4.90
N PHE D 38 -26.72 17.77 -4.03
CA PHE D 38 -27.60 16.68 -3.65
C PHE D 38 -29.05 17.08 -3.88
N ARG D 39 -29.92 16.09 -4.00
CA ARG D 39 -31.34 16.34 -4.02
C ARG D 39 -32.06 15.32 -3.15
N GLN D 40 -33.18 15.74 -2.59
CA GLN D 40 -34.01 14.88 -1.77
C GLN D 40 -35.46 15.20 -2.09
N ALA D 41 -36.17 14.20 -2.59
CA ALA D 41 -37.59 14.24 -2.87
C ALA D 41 -38.35 13.53 -1.76
N PRO D 42 -39.56 14.00 -1.45
CA PRO D 42 -40.37 13.35 -0.42
C PRO D 42 -40.51 11.86 -0.67
N GLY D 43 -40.26 11.06 0.36
CA GLY D 43 -40.34 9.62 0.27
C GLY D 43 -39.09 8.94 -0.24
N LYS D 44 -38.12 9.69 -0.78
CA LYS D 44 -36.93 9.11 -1.37
C LYS D 44 -35.69 9.46 -0.57
N GLU D 45 -34.64 8.68 -0.78
CA GLU D 45 -33.38 8.92 -0.09
C GLU D 45 -32.65 10.09 -0.73
N ARG D 46 -31.94 10.85 0.10
CA ARG D 46 -31.09 11.89 -0.44
C ARG D 46 -30.07 11.27 -1.40
N GLU D 47 -29.82 11.98 -2.50
CA GLU D 47 -29.06 11.44 -3.63
C GLU D 47 -28.01 12.46 -4.04
N GLY D 48 -26.76 12.00 -4.17
CA GLY D 48 -25.74 12.85 -4.75
C GLY D 48 -25.93 12.96 -6.25
N VAL D 49 -25.90 14.18 -6.77
CA VAL D 49 -26.17 14.43 -8.18
C VAL D 49 -24.91 14.85 -8.94
N LEU D 50 -24.12 15.75 -8.37
CA LEU D 50 -22.88 16.19 -9.00
C LEU D 50 -21.92 16.57 -7.89
N CYS D 51 -20.78 15.88 -7.82
CA CYS D 51 -19.87 16.06 -6.70
C CYS D 51 -18.43 16.15 -7.18
N ILE D 52 -17.70 17.12 -6.63
CA ILE D 52 -16.28 17.32 -6.90
C ILE D 52 -15.53 17.22 -5.58
N GLY D 53 -14.46 16.42 -5.55
CA GLY D 53 -13.54 16.35 -4.45
C GLY D 53 -12.35 17.24 -4.70
N SER D 54 -11.33 16.72 -5.36
CA SER D 54 -10.15 17.47 -5.76
C SER D 54 -10.30 17.91 -7.21
N SER D 55 -9.79 19.11 -7.52
CA SER D 55 -9.76 19.54 -8.91
C SER D 55 -8.82 18.69 -9.75
N ASP D 56 -7.87 18.01 -9.11
CA ASP D 56 -7.02 17.05 -9.81
C ASP D 56 -7.70 15.69 -10.00
N GLY D 57 -8.87 15.49 -9.41
CA GLY D 57 -9.68 14.31 -9.68
C GLY D 57 -10.63 14.56 -10.84
N SER D 58 -11.68 13.76 -10.89
CA SER D 58 -12.71 13.89 -11.90
C SER D 58 -14.07 14.11 -11.22
N THR D 59 -14.95 14.82 -11.91
CA THR D 59 -16.28 15.07 -11.38
C THR D 59 -17.12 13.80 -11.40
N TYR D 60 -17.84 13.58 -10.31
CA TYR D 60 -18.84 12.52 -10.24
C TYR D 60 -20.20 13.07 -10.65
N TYR D 61 -20.89 12.34 -11.52
CA TYR D 61 -22.26 12.63 -11.92
C TYR D 61 -23.12 11.42 -11.63
N ALA D 62 -24.28 11.64 -11.01
CA ALA D 62 -25.29 10.59 -10.98
C ALA D 62 -25.64 10.18 -12.40
N ASP D 63 -25.90 8.88 -12.60
CA ASP D 63 -26.20 8.37 -13.93
C ASP D 63 -27.35 9.13 -14.58
N SER D 64 -28.38 9.47 -13.81
CA SER D 64 -29.58 10.07 -14.37
C SER D 64 -29.38 11.49 -14.84
N VAL D 65 -28.29 12.16 -14.45
CA VAL D 65 -28.09 13.57 -14.77
C VAL D 65 -26.92 13.81 -15.71
N LYS D 66 -26.20 12.76 -16.10
CA LYS D 66 -25.08 12.93 -17.02
C LYS D 66 -25.55 13.52 -18.35
N GLY D 67 -24.92 14.62 -18.76
CA GLY D 67 -25.27 15.32 -19.96
C GLY D 67 -26.20 16.49 -19.73
N ARG D 68 -26.98 16.46 -18.65
CA ARG D 68 -27.95 17.50 -18.37
C ARG D 68 -27.49 18.49 -17.30
N PHE D 69 -26.76 18.04 -16.29
CA PHE D 69 -26.33 18.88 -15.19
C PHE D 69 -24.82 19.09 -15.29
N THR D 70 -24.39 20.35 -15.20
CA THR D 70 -22.99 20.70 -15.16
C THR D 70 -22.79 21.78 -14.11
N ILE D 71 -21.55 21.93 -13.65
CA ILE D 71 -21.21 22.88 -12.61
C ILE D 71 -20.25 23.91 -13.17
N SER D 72 -20.35 25.14 -12.66
CA SER D 72 -19.41 26.21 -12.97
C SER D 72 -19.42 27.20 -11.82
N SER D 73 -18.39 28.04 -11.77
CA SER D 73 -18.26 29.04 -10.73
C SER D 73 -18.00 30.41 -11.34
N ASP D 74 -18.29 31.44 -10.55
CA ASP D 74 -18.18 32.81 -11.01
C ASP D 74 -16.72 33.28 -10.92
N ASN D 75 -16.50 34.57 -11.17
CA ASN D 75 -15.15 35.13 -11.08
C ASN D 75 -14.70 35.22 -9.62
N ALA D 76 -15.55 35.75 -8.75
CA ALA D 76 -15.23 35.88 -7.34
C ALA D 76 -14.97 34.55 -6.65
N LYS D 77 -15.27 33.43 -7.32
CA LYS D 77 -15.17 32.08 -6.77
C LYS D 77 -15.95 31.91 -5.48
N ASN D 78 -16.82 32.87 -5.16
CA ASN D 78 -17.75 32.75 -4.04
C ASN D 78 -19.11 32.24 -4.48
N THR D 79 -19.27 31.88 -5.75
CA THR D 79 -20.54 31.39 -6.27
C THR D 79 -20.27 30.22 -7.20
N VAL D 80 -20.89 29.08 -6.92
CA VAL D 80 -20.88 27.94 -7.82
C VAL D 80 -22.30 27.74 -8.34
N TYR D 81 -22.41 27.38 -9.61
CA TYR D 81 -23.70 27.24 -10.26
C TYR D 81 -23.90 25.78 -10.67
N LEU D 82 -25.12 25.28 -10.50
CA LEU D 82 -25.53 24.00 -11.06
C LEU D 82 -26.44 24.30 -12.25
N GLN D 83 -25.90 24.12 -13.46
CA GLN D 83 -26.71 24.29 -14.66
C GLN D 83 -27.52 23.01 -14.91
N MET D 84 -28.84 23.13 -14.85
CA MET D 84 -29.75 22.00 -15.03
C MET D 84 -30.53 22.22 -16.32
N ASN D 85 -30.30 21.37 -17.31
CA ASN D 85 -31.00 21.44 -18.59
C ASN D 85 -31.85 20.19 -18.79
N SER D 86 -32.79 20.28 -19.73
CA SER D 86 -33.66 19.18 -20.12
C SER D 86 -34.32 18.55 -18.90
N LEU D 87 -34.84 19.40 -18.02
CA LEU D 87 -35.37 18.91 -16.75
C LEU D 87 -36.58 18.02 -16.97
N LYS D 88 -36.70 17.02 -16.11
CA LYS D 88 -37.74 15.99 -16.18
C LYS D 88 -38.52 15.96 -14.88
N PRO D 89 -39.75 15.44 -14.89
CA PRO D 89 -40.52 15.32 -13.64
C PRO D 89 -39.79 14.57 -12.54
N GLU D 90 -38.93 13.60 -12.90
CA GLU D 90 -38.17 12.87 -11.91
C GLU D 90 -37.16 13.75 -11.18
N ASP D 91 -36.81 14.90 -11.77
CA ASP D 91 -35.87 15.82 -11.15
C ASP D 91 -36.49 16.66 -10.04
N THR D 92 -37.81 16.65 -9.88
CA THR D 92 -38.45 17.41 -8.80
C THR D 92 -37.92 16.95 -7.45
N ALA D 93 -37.44 17.92 -6.66
CA ALA D 93 -36.82 17.63 -5.36
C ALA D 93 -36.38 18.96 -4.74
N VAL D 94 -36.06 18.89 -3.46
CA VAL D 94 -35.25 19.92 -2.82
C VAL D 94 -33.79 19.65 -3.15
N TYR D 95 -33.08 20.68 -3.60
CA TYR D 95 -31.69 20.57 -3.99
C TYR D 95 -30.79 21.27 -2.97
N TYR D 96 -29.73 20.59 -2.59
CA TYR D 96 -28.79 21.07 -1.57
C TYR D 96 -27.40 21.17 -2.18
N CYS D 97 -26.69 22.24 -1.83
CA CYS D 97 -25.25 22.25 -2.04
C CYS D 97 -24.55 22.05 -0.70
N ALA D 98 -23.37 21.46 -0.78
CA ALA D 98 -22.54 21.14 0.38
C ALA D 98 -21.10 21.37 0.00
N ALA D 99 -20.28 21.72 0.98
CA ALA D 99 -18.87 21.97 0.75
C ALA D 99 -18.07 21.48 1.94
N ASP D 100 -16.80 21.16 1.69
CA ASP D 100 -15.94 20.69 2.73
C ASP D 100 -14.52 21.14 2.47
N PRO D 101 -13.77 21.54 3.51
CA PRO D 101 -12.38 22.00 3.30
C PRO D 101 -11.42 20.90 2.88
N TRP D 102 -11.72 19.63 3.13
CA TRP D 102 -10.84 18.54 2.74
C TRP D 102 -11.07 18.23 1.27
N ASP D 103 -10.25 18.81 0.40
CA ASP D 103 -10.39 18.63 -1.04
C ASP D 103 -9.42 17.59 -1.58
N SER D 104 -9.07 16.57 -0.78
CA SER D 104 -8.19 15.51 -1.21
C SER D 104 -8.94 14.25 -1.62
N GLY D 105 -10.28 14.29 -1.61
CA GLY D 105 -11.04 13.12 -1.97
C GLY D 105 -11.67 13.18 -3.35
N TYR D 106 -12.79 12.50 -3.51
CA TYR D 106 -13.47 12.34 -4.80
C TYR D 106 -14.89 11.88 -4.53
N GLY D 107 -15.75 12.04 -5.53
CA GLY D 107 -17.13 11.63 -5.39
C GLY D 107 -17.91 12.48 -4.40
N CYS D 108 -19.10 11.99 -4.08
CA CYS D 108 -19.93 12.59 -3.05
C CYS D 108 -19.47 12.08 -1.70
N TYR D 109 -19.04 13.00 -0.84
CA TYR D 109 -18.48 12.63 0.46
C TYR D 109 -19.56 12.03 1.36
N LEU D 110 -19.11 11.20 2.31
CA LEU D 110 -19.98 10.70 3.37
CA LEU D 110 -19.99 10.71 3.36
C LEU D 110 -20.34 11.78 4.38
N ASP D 111 -19.63 12.90 4.39
CA ASP D 111 -19.81 13.95 5.37
C ASP D 111 -19.24 15.25 4.81
N TYR D 112 -20.00 16.32 4.98
CA TYR D 112 -19.60 17.66 4.56
C TYR D 112 -19.75 18.57 5.76
N ASP D 113 -18.75 19.41 6.01
CA ASP D 113 -18.83 20.33 7.13
C ASP D 113 -19.96 21.33 6.94
N TYR D 114 -20.24 21.73 5.71
CA TYR D 114 -21.17 22.81 5.42
C TYR D 114 -22.26 22.31 4.49
N TRP D 115 -23.51 22.62 4.84
CA TRP D 115 -24.66 22.31 3.99
C TRP D 115 -25.50 23.56 3.80
N GLY D 116 -26.23 23.59 2.69
CA GLY D 116 -27.23 24.62 2.49
C GLY D 116 -28.56 24.23 3.10
N GLN D 117 -29.49 25.19 3.11
CA GLN D 117 -30.84 24.92 3.58
C GLN D 117 -31.69 24.22 2.54
N GLY D 118 -31.30 24.27 1.27
CA GLY D 118 -32.02 23.62 0.20
C GLY D 118 -32.93 24.58 -0.55
N THR D 119 -33.11 24.31 -1.84
CA THR D 119 -34.02 25.07 -2.67
C THR D 119 -34.87 24.11 -3.49
N GLN D 120 -36.16 24.41 -3.61
CA GLN D 120 -37.09 23.49 -4.25
C GLN D 120 -37.05 23.64 -5.76
N VAL D 121 -36.99 22.52 -6.47
CA VAL D 121 -37.09 22.46 -7.92
C VAL D 121 -38.28 21.56 -8.26
N THR D 122 -39.21 22.09 -9.04
CA THR D 122 -40.42 21.35 -9.39
C THR D 122 -40.61 21.40 -10.90
N VAL D 123 -40.66 20.23 -11.51
CA VAL D 123 -40.86 20.09 -12.95
C VAL D 123 -42.27 19.59 -13.15
N SER D 124 -43.17 20.47 -13.57
CA SER D 124 -44.57 20.12 -13.79
C SER D 124 -45.06 20.77 -15.08
N SER D 125 -45.96 20.09 -15.76
CA SER D 125 -46.53 20.57 -17.02
C SER D 125 -47.82 21.35 -16.79
C TRS E . 17.68 -19.77 -10.36
C TRS E . 17.77 -20.94 -10.58
C1 TRS E . 16.80 -20.93 -9.89
C1 TRS E . 17.51 -20.83 -9.09
C2 TRS E . 17.34 -19.39 -11.80
C2 TRS E . 19.21 -20.57 -10.92
C3 TRS E . 19.13 -20.22 -10.27
C3 TRS E . 16.77 -20.03 -11.30
N TRS E . 17.48 -18.59 -9.50
N TRS E . 17.55 -22.32 -11.04
O1 TRS E . 15.45 -20.52 -9.78
O1 TRS E . 18.48 -21.54 -8.34
O2 TRS E . 16.23 -18.51 -11.88
O2 TRS E . 19.48 -19.26 -10.48
O3 TRS E . 19.94 -19.42 -11.10
O3 TRS E . 17.33 -19.54 -12.50
#